data_8WRT
#
_entry.id   8WRT
#
_cell.length_a   1.00
_cell.length_b   1.00
_cell.length_c   1.00
_cell.angle_alpha   90.00
_cell.angle_beta   90.00
_cell.angle_gamma   90.00
#
_symmetry.space_group_name_H-M   'P 1'
#
loop_
_entity.id
_entity.type
_entity.pdbx_description
1 polymer Cas12-1
2 polymer RNA
#
loop_
_entity_poly.entity_id
_entity_poly.type
_entity_poly.pdbx_seq_one_letter_code
_entity_poly.pdbx_strand_id
1 'polypeptide(L)'
;MTPKTETPVGALIKKFFPGKRFQKNYLKDAGKKLKREGEAAAVEYLSGKQEDHPANFCPPAKVNILAQSRPLSEWPINLV
SKGVQEYVYGLTAAEREANGDFGTSRKSLDRWFARTGVPTHGYTTVQGLNLILRHTFNRYDGVIKKVETRNEKRRSKATR
INVSREADGLPPIEAEPEETAFGPDGKLKERPGINPSIYCYQQVSPVPYNPAKHPALPFSGVDPGAPLPLGTPNRLSIPK
GQPGYVPEWQRPHLSTKNKRIRKWYARANWRRKPGRKSVLDEAKLKEAALKEAIPIIVTIGKDWIVMDARGLLRAVYWRG
IAKPGLSLKELLGFFSGDPVLDPKRGIATFTFKLGAVAVHSRKPTRGKKSKELLLSMTAEKPHVGLVAIDLGQTNPVAAE
FSRVKREGETLQAEPLGQIVLPDDLVKDLTRYRRAWDATEEQIKAEAIVQLPEECRAEVVKVNQMSAEETKHLILDRGVS
GDLPWEKMTSNTTFISDHLLAKGVTDQVFFEKKSKGKKKGTETVKRKDYGWVKLLRPRLSQETRKAVNDKTWELKRASTE
YVRLSRRKTELARRCVNYIVRETKRWTQCEDIAIVIEDLNVRFFHGSGERPDGWDNFFISKRENRWFIQVLHKAFSDLAL
HRGLPVIEANPARTSITCIRCGHCDRNNRHGEMFLCLSCNDLRHADREIATRNLTRVAVTGEMIPRRIEPGEQSGDTKKA
RSARKGKKAVISKREAA
;
A
2 'polyribonucleotide' GCCGUCAACGUUCAACGCUUGCUCGGUUCGCCGAGACUCCCCUACGUGCUGCUGAAG B
#
loop_
_chem_comp.id
_chem_comp.type
_chem_comp.name
_chem_comp.formula
A RNA linking ADENOSINE-5'-MONOPHOSPHATE 'C10 H14 N5 O7 P'
C RNA linking CYTIDINE-5'-MONOPHOSPHATE 'C9 H14 N3 O8 P'
G RNA linking GUANOSINE-5'-MONOPHOSPHATE 'C10 H14 N5 O8 P'
U RNA linking URIDINE-5'-MONOPHOSPHATE 'C9 H13 N2 O9 P'
#
# COMPACT_ATOMS: atom_id res chain seq x y z
N HIS A 53 -17.17 12.33 13.82
CA HIS A 53 -16.62 12.33 15.18
C HIS A 53 -16.67 10.95 15.86
N PRO A 54 -17.78 10.22 15.76
CA PRO A 54 -17.78 8.84 16.27
C PRO A 54 -16.82 7.96 15.48
N ALA A 55 -16.30 6.95 16.17
CA ALA A 55 -15.36 6.03 15.55
C ALA A 55 -16.05 5.24 14.45
N ASN A 56 -15.64 5.47 13.20
CA ASN A 56 -16.20 4.78 12.06
C ASN A 56 -15.14 3.99 11.28
N PHE A 57 -14.12 3.48 11.97
CA PHE A 57 -13.03 2.75 11.35
C PHE A 57 -12.87 1.40 12.01
N CYS A 58 -12.47 0.40 11.23
CA CYS A 58 -12.29 -0.96 11.70
C CYS A 58 -11.00 -1.53 11.12
N PRO A 59 -9.90 -1.51 11.87
CA PRO A 59 -8.63 -2.01 11.36
C PRO A 59 -8.65 -3.53 11.26
N PRO A 60 -7.74 -4.12 10.49
CA PRO A 60 -7.69 -5.58 10.39
C PRO A 60 -6.83 -6.21 11.47
N ALA A 61 -7.16 -7.46 11.79
CA ALA A 61 -6.38 -8.29 12.68
C ALA A 61 -6.18 -9.66 12.03
N LYS A 62 -4.93 -10.07 11.87
CA LYS A 62 -4.59 -11.28 11.15
C LYS A 62 -4.39 -12.43 12.12
N VAL A 63 -4.82 -13.63 11.72
CA VAL A 63 -4.88 -14.79 12.60
C VAL A 63 -4.30 -16.00 11.88
N ASN A 64 -3.43 -16.72 12.58
CA ASN A 64 -2.83 -17.93 12.04
C ASN A 64 -3.79 -19.12 12.21
N ILE A 65 -3.74 -20.04 11.25
CA ILE A 65 -4.64 -21.18 11.19
C ILE A 65 -3.86 -22.43 11.58
N LEU A 66 -4.44 -23.25 12.46
CA LEU A 66 -3.77 -24.47 12.90
C LEU A 66 -4.06 -25.65 11.98
N ALA A 67 -5.32 -26.06 11.88
CA ALA A 67 -5.66 -27.29 11.17
C ALA A 67 -7.01 -27.12 10.49
N GLN A 68 -7.23 -27.93 9.47
CA GLN A 68 -8.47 -27.93 8.71
C GLN A 68 -8.95 -29.36 8.52
N SER A 69 -10.27 -29.54 8.48
CA SER A 69 -10.83 -30.85 8.19
C SER A 69 -10.43 -31.32 6.80
N ARG A 70 -10.85 -30.58 5.78
CA ARG A 70 -10.45 -30.82 4.39
C ARG A 70 -10.17 -29.48 3.74
N PRO A 71 -9.41 -29.43 2.64
CA PRO A 71 -9.05 -28.14 2.05
C PRO A 71 -10.27 -27.30 1.71
N LEU A 72 -10.10 -25.98 1.79
CA LEU A 72 -11.22 -25.06 1.60
C LEU A 72 -11.80 -25.12 0.20
N SER A 73 -11.06 -25.69 -0.76
CA SER A 73 -11.57 -25.82 -2.12
C SER A 73 -12.78 -26.76 -2.15
N GLU A 74 -12.77 -27.78 -1.30
CA GLU A 74 -13.86 -28.76 -1.29
C GLU A 74 -15.06 -28.31 -0.47
N TRP A 75 -15.00 -27.15 0.19
CA TRP A 75 -16.14 -26.68 0.95
C TRP A 75 -17.27 -26.29 0.00
N PRO A 76 -18.53 -26.55 0.40
CA PRO A 76 -19.65 -26.18 -0.49
C PRO A 76 -19.88 -24.69 -0.54
N ILE A 77 -19.60 -23.96 0.54
CA ILE A 77 -19.81 -22.51 0.56
C ILE A 77 -18.92 -21.83 -0.47
N ASN A 78 -17.68 -22.29 -0.60
CA ASN A 78 -16.78 -21.73 -1.60
C ASN A 78 -17.10 -22.27 -3.00
N LEU A 79 -17.56 -23.52 -3.07
CA LEU A 79 -17.81 -24.16 -4.36
C LEU A 79 -18.96 -23.47 -5.10
N VAL A 80 -20.00 -23.06 -4.38
CA VAL A 80 -21.08 -22.28 -4.99
C VAL A 80 -20.57 -20.89 -5.37
N SER A 81 -19.68 -20.33 -4.56
CA SER A 81 -19.09 -19.02 -4.81
C SER A 81 -18.15 -19.03 -6.02
N LYS A 82 -17.88 -20.19 -6.61
CA LYS A 82 -17.13 -20.28 -7.86
C LYS A 82 -18.05 -20.30 -9.07
N GLY A 83 -19.30 -20.69 -8.90
CA GLY A 83 -20.28 -20.62 -9.97
C GLY A 83 -20.90 -19.24 -10.08
N VAL A 84 -20.75 -18.46 -9.01
CA VAL A 84 -21.14 -17.05 -9.01
C VAL A 84 -19.97 -16.18 -9.47
N GLN A 85 -18.92 -16.81 -9.99
CA GLN A 85 -17.75 -16.11 -10.49
C GLN A 85 -17.48 -16.37 -11.96
N GLU A 86 -17.77 -17.57 -12.46
CA GLU A 86 -17.69 -17.80 -13.90
C GLU A 86 -18.76 -17.03 -14.64
N TYR A 87 -19.96 -16.91 -14.05
CA TYR A 87 -21.06 -16.21 -14.70
C TYR A 87 -20.94 -14.70 -14.52
N VAL A 88 -20.78 -14.24 -13.28
CA VAL A 88 -20.88 -12.81 -12.99
C VAL A 88 -19.65 -12.06 -13.50
N TYR A 89 -18.61 -12.80 -13.88
CA TYR A 89 -17.42 -12.18 -14.45
C TYR A 89 -17.28 -12.41 -15.95
N GLY A 90 -18.34 -12.88 -16.61
CA GLY A 90 -18.25 -13.16 -18.02
C GLY A 90 -19.41 -12.64 -18.85
N LEU A 91 -20.45 -12.16 -18.18
CA LEU A 91 -21.61 -11.63 -18.89
C LEU A 91 -21.28 -10.26 -19.47
N THR A 92 -21.98 -9.91 -20.56
CA THR A 92 -21.72 -8.66 -21.24
C THR A 92 -22.16 -7.47 -20.40
N ALA A 93 -21.87 -6.27 -20.90
CA ALA A 93 -22.23 -5.05 -20.19
C ALA A 93 -23.74 -4.90 -20.08
N ALA A 94 -24.46 -5.19 -21.16
CA ALA A 94 -25.92 -5.07 -21.13
C ALA A 94 -26.54 -6.10 -20.20
N GLU A 95 -25.92 -7.29 -20.12
CA GLU A 95 -26.46 -8.35 -19.28
C GLU A 95 -26.39 -8.00 -17.80
N ARG A 96 -25.35 -7.26 -17.39
CA ARG A 96 -25.17 -6.96 -15.97
C ARG A 96 -26.32 -6.12 -15.42
N GLU A 97 -26.80 -5.15 -16.21
CA GLU A 97 -27.94 -4.36 -15.78
C GLU A 97 -29.18 -5.22 -15.59
N ALA A 98 -29.30 -6.30 -16.38
CA ALA A 98 -30.46 -7.18 -16.26
C ALA A 98 -30.46 -7.94 -14.95
N ASN A 99 -29.29 -8.40 -14.51
CA ASN A 99 -29.17 -9.22 -13.30
C ASN A 99 -28.41 -8.42 -12.24
N GLY A 100 -29.14 -7.59 -11.50
CA GLY A 100 -28.56 -6.87 -10.37
C GLY A 100 -29.54 -6.64 -9.25
N ASP A 101 -30.68 -7.35 -9.28
CA ASP A 101 -31.79 -7.09 -8.37
C ASP A 101 -31.87 -8.09 -7.23
N PHE A 102 -30.82 -8.89 -7.01
CA PHE A 102 -30.92 -9.97 -6.04
C PHE A 102 -30.23 -9.59 -4.74
N GLY A 103 -30.98 -9.66 -3.64
CA GLY A 103 -30.50 -9.15 -2.37
C GLY A 103 -30.83 -9.98 -1.15
N THR A 104 -31.16 -9.29 -0.06
CA THR A 104 -31.32 -9.95 1.23
C THR A 104 -32.52 -10.90 1.24
N SER A 105 -33.49 -10.67 0.35
CA SER A 105 -34.71 -11.46 0.36
C SER A 105 -34.41 -12.93 0.08
N ARG A 106 -35.17 -13.82 0.74
CA ARG A 106 -34.94 -15.25 0.59
C ARG A 106 -35.32 -15.73 -0.80
N LYS A 107 -36.50 -15.34 -1.28
CA LYS A 107 -36.97 -15.82 -2.57
C LYS A 107 -36.18 -15.19 -3.72
N SER A 108 -35.61 -14.01 -3.50
CA SER A 108 -34.85 -13.36 -4.55
C SER A 108 -33.58 -14.14 -4.90
N LEU A 109 -32.94 -14.75 -3.89
CA LEU A 109 -31.72 -15.50 -4.15
C LEU A 109 -32.01 -16.76 -4.96
N ASP A 110 -33.01 -17.53 -4.55
CA ASP A 110 -33.34 -18.79 -5.22
C ASP A 110 -33.94 -18.59 -6.60
N ARG A 111 -34.56 -17.43 -6.86
CA ARG A 111 -35.05 -17.11 -8.18
C ARG A 111 -33.94 -16.87 -9.19
N TRP A 112 -32.84 -16.24 -8.77
CA TRP A 112 -31.72 -15.99 -9.68
C TRP A 112 -31.13 -17.28 -10.21
N PHE A 113 -30.92 -18.27 -9.33
CA PHE A 113 -30.29 -19.51 -9.77
C PHE A 113 -31.17 -20.28 -10.74
N ALA A 114 -32.47 -20.02 -10.73
CA ALA A 114 -33.34 -20.54 -11.79
C ALA A 114 -33.03 -19.88 -13.12
N ARG A 115 -32.77 -18.57 -13.11
CA ARG A 115 -32.47 -17.86 -14.34
C ARG A 115 -31.02 -18.07 -14.78
N THR A 116 -30.07 -17.76 -13.91
CA THR A 116 -28.66 -17.86 -14.29
C THR A 116 -28.20 -19.30 -14.44
N GLY A 117 -28.93 -20.25 -13.84
CA GLY A 117 -28.58 -21.65 -13.94
C GLY A 117 -27.24 -21.97 -13.30
N VAL A 118 -26.91 -21.27 -12.23
CA VAL A 118 -25.69 -21.52 -11.46
C VAL A 118 -26.00 -22.61 -10.45
N PRO A 119 -25.24 -23.72 -10.43
CA PRO A 119 -25.60 -24.83 -9.53
C PRO A 119 -25.35 -24.46 -8.07
N THR A 120 -26.41 -24.54 -7.27
CA THR A 120 -26.33 -24.35 -5.83
C THR A 120 -25.98 -25.70 -5.20
N HIS A 121 -24.70 -25.91 -4.93
CA HIS A 121 -24.21 -27.19 -4.42
C HIS A 121 -24.50 -27.33 -2.91
N GLY A 122 -25.79 -27.50 -2.61
CA GLY A 122 -26.22 -27.74 -1.26
C GLY A 122 -26.19 -26.55 -0.33
N TYR A 123 -25.54 -25.46 -0.73
CA TYR A 123 -25.43 -24.27 0.11
C TYR A 123 -26.70 -23.46 -0.07
N THR A 124 -27.78 -23.88 0.55
CA THR A 124 -29.05 -23.16 0.52
C THR A 124 -29.22 -22.45 1.86
N THR A 125 -28.63 -21.26 1.98
CA THR A 125 -28.67 -20.53 3.24
C THR A 125 -28.69 -19.03 2.93
N VAL A 126 -29.43 -18.29 3.75
CA VAL A 126 -29.53 -16.85 3.63
C VAL A 126 -28.71 -16.24 4.76
N GLN A 127 -28.37 -14.96 4.61
CA GLN A 127 -27.45 -14.18 5.46
C GLN A 127 -26.01 -14.56 5.15
N GLY A 128 -25.77 -15.52 4.27
CA GLY A 128 -24.43 -15.89 3.88
C GLY A 128 -24.28 -16.03 2.38
N LEU A 129 -25.41 -16.03 1.66
CA LEU A 129 -25.35 -16.14 0.19
C LEU A 129 -25.32 -14.77 -0.45
N ASN A 130 -25.77 -13.73 0.26
CA ASN A 130 -25.68 -12.38 -0.27
C ASN A 130 -24.23 -11.93 -0.38
N LEU A 131 -23.42 -12.22 0.64
CA LEU A 131 -22.01 -11.86 0.57
C LEU A 131 -21.29 -12.60 -0.55
N ILE A 132 -21.87 -13.68 -1.03
CA ILE A 132 -21.26 -14.43 -2.14
C ILE A 132 -21.38 -13.63 -3.44
N LEU A 133 -22.48 -12.91 -3.62
CA LEU A 133 -22.72 -12.19 -4.86
C LEU A 133 -22.48 -10.69 -4.77
N ARG A 134 -22.56 -10.09 -3.57
CA ARG A 134 -22.27 -8.67 -3.43
C ARG A 134 -20.83 -8.36 -3.79
N HIS A 135 -19.89 -9.20 -3.35
CA HIS A 135 -18.48 -8.91 -3.60
C HIS A 135 -18.12 -9.16 -5.07
N THR A 136 -18.81 -10.10 -5.71
CA THR A 136 -18.57 -10.31 -7.14
C THR A 136 -19.14 -9.15 -7.96
N PHE A 137 -20.28 -8.60 -7.53
CA PHE A 137 -20.83 -7.42 -8.17
C PHE A 137 -19.93 -6.21 -7.97
N ASN A 138 -19.45 -6.02 -6.74
CA ASN A 138 -18.55 -4.90 -6.47
C ASN A 138 -17.23 -5.05 -7.23
N ARG A 139 -16.70 -6.27 -7.28
CA ARG A 139 -15.48 -6.51 -8.03
C ARG A 139 -15.69 -6.27 -9.52
N TYR A 140 -16.83 -6.71 -10.04
CA TYR A 140 -17.19 -6.42 -11.43
C TYR A 140 -17.35 -4.93 -11.64
N ASP A 141 -18.01 -4.25 -10.71
CA ASP A 141 -18.20 -2.80 -10.82
C ASP A 141 -16.90 -2.06 -10.55
N GLY A 142 -16.08 -2.57 -9.62
CA GLY A 142 -14.84 -1.89 -9.28
C GLY A 142 -13.87 -1.82 -10.43
N VAL A 143 -13.86 -2.86 -11.28
CA VAL A 143 -12.96 -2.86 -12.43
C VAL A 143 -13.31 -1.72 -13.39
N ILE A 144 -14.60 -1.56 -13.69
CA ILE A 144 -15.03 -0.46 -14.55
C ILE A 144 -14.72 0.88 -13.91
N LYS A 145 -15.00 1.01 -12.61
CA LYS A 145 -14.69 2.23 -11.89
C LYS A 145 -13.19 2.52 -11.92
N LYS A 146 -12.36 1.48 -11.90
CA LYS A 146 -10.92 1.67 -11.95
C LYS A 146 -10.48 2.26 -13.29
N VAL A 147 -11.11 1.84 -14.39
CA VAL A 147 -10.73 2.36 -15.70
C VAL A 147 -11.15 3.82 -15.83
N GLU A 148 -12.27 4.20 -15.20
CA GLU A 148 -12.71 5.59 -15.28
C GLU A 148 -11.71 6.53 -14.63
N THR A 149 -11.17 6.15 -13.47
CA THR A 149 -10.17 6.98 -12.82
C THR A 149 -8.87 7.02 -13.62
N ARG A 150 -8.54 5.89 -14.26
CA ARG A 150 -7.32 5.83 -15.07
C ARG A 150 -7.43 6.80 -16.25
N ASN A 151 -8.60 6.87 -16.86
CA ASN A 151 -8.81 7.80 -17.97
C ASN A 151 -8.68 9.24 -17.51
N GLU A 152 -9.07 9.52 -16.26
CA GLU A 152 -8.89 10.87 -15.72
C GLU A 152 -7.41 11.22 -15.61
N LYS A 153 -6.58 10.24 -15.25
CA LYS A 153 -5.15 10.48 -15.17
C LYS A 153 -4.58 10.86 -16.54
N ARG A 154 -4.98 10.14 -17.57
CA ARG A 154 -4.51 10.44 -18.91
C ARG A 154 -5.05 11.80 -19.36
N ARG A 155 -6.31 12.07 -19.09
CA ARG A 155 -6.94 13.32 -19.51
C ARG A 155 -6.31 14.51 -18.81
N SER A 156 -6.14 14.40 -17.50
CA SER A 156 -5.53 15.49 -16.73
C SER A 156 -4.08 15.72 -17.17
N LYS A 157 -3.32 14.65 -17.37
CA LYS A 157 -1.94 14.80 -17.81
C LYS A 157 -1.86 15.36 -19.22
N ALA A 158 -2.89 15.11 -20.04
CA ALA A 158 -2.89 15.61 -21.41
C ALA A 158 -2.88 17.13 -21.44
N THR A 159 -3.62 17.76 -20.53
CA THR A 159 -3.67 19.23 -20.50
C THR A 159 -2.29 19.81 -20.20
N ARG A 160 -1.60 19.25 -19.19
CA ARG A 160 -0.29 19.78 -18.81
C ARG A 160 0.74 19.52 -19.90
N ILE A 161 0.70 18.34 -20.52
CA ILE A 161 1.73 17.97 -21.48
C ILE A 161 1.71 18.91 -22.68
N ASN A 162 0.52 19.18 -23.23
CA ASN A 162 0.43 20.07 -24.38
C ASN A 162 0.81 21.50 -24.02
N VAL A 163 0.43 21.96 -22.83
CA VAL A 163 0.75 23.32 -22.41
C VAL A 163 2.25 23.49 -22.29
N SER A 164 2.94 22.50 -21.74
CA SER A 164 4.39 22.57 -21.62
C SER A 164 5.05 22.70 -22.99
N ARG A 165 4.57 21.94 -23.97
CA ARG A 165 5.06 22.11 -25.33
C ARG A 165 4.56 23.41 -25.94
N GLU A 166 3.34 23.82 -25.57
CA GLU A 166 2.79 25.06 -26.11
C GLU A 166 3.63 26.26 -25.70
N ALA A 167 4.04 26.31 -24.43
CA ALA A 167 4.93 27.39 -23.99
C ALA A 167 6.26 27.36 -24.73
N ASP A 168 6.80 26.16 -24.95
CA ASP A 168 7.99 26.04 -25.78
C ASP A 168 7.66 26.37 -27.24
N GLY A 169 6.52 25.92 -27.72
CA GLY A 169 6.12 26.18 -29.09
C GLY A 169 4.65 25.90 -29.35
N ALA A 181 -12.87 -1.88 -18.93
CA ALA A 181 -12.34 -1.90 -20.29
C ALA A 181 -13.02 -2.99 -21.11
N PHE A 182 -14.35 -2.98 -21.12
CA PHE A 182 -15.10 -3.96 -21.89
C PHE A 182 -14.87 -3.75 -23.39
N GLY A 183 -14.80 -4.84 -24.13
CA GLY A 183 -14.49 -4.79 -25.54
C GLY A 183 -15.72 -4.85 -26.42
N PRO A 184 -15.54 -5.30 -27.67
CA PRO A 184 -16.67 -5.38 -28.60
C PRO A 184 -17.81 -6.27 -28.11
N ASP A 185 -17.48 -7.36 -27.43
CA ASP A 185 -18.51 -8.26 -26.93
C ASP A 185 -19.32 -7.62 -25.82
N GLY A 186 -18.75 -6.63 -25.14
CA GLY A 186 -19.36 -6.01 -23.98
C GLY A 186 -18.90 -6.59 -22.67
N LYS A 187 -18.31 -7.78 -22.69
CA LYS A 187 -17.72 -8.36 -21.50
C LYS A 187 -16.40 -7.67 -21.18
N LEU A 188 -16.11 -7.50 -19.90
CA LEU A 188 -14.87 -6.85 -19.51
C LEU A 188 -13.68 -7.72 -19.87
N LYS A 189 -12.66 -7.12 -20.46
CA LYS A 189 -11.45 -7.87 -20.81
C LYS A 189 -10.62 -7.98 -19.54
N GLU A 190 -9.68 -8.93 -19.51
CA GLU A 190 -8.85 -9.13 -18.32
C GLU A 190 -9.74 -9.32 -17.10
N ARG A 191 -10.74 -10.19 -17.21
CA ARG A 191 -11.69 -10.37 -16.11
C ARG A 191 -11.02 -10.86 -14.84
N PRO A 192 -11.47 -10.33 -13.68
CA PRO A 192 -10.85 -10.68 -12.39
C PRO A 192 -10.76 -12.17 -12.06
N GLY A 193 -9.75 -12.56 -11.30
CA GLY A 193 -9.57 -13.96 -10.92
C GLY A 193 -10.52 -14.48 -9.86
N ILE A 194 -10.50 -15.79 -9.67
CA ILE A 194 -11.34 -16.41 -8.66
C ILE A 194 -10.64 -16.27 -7.32
N ASN A 195 -11.26 -15.58 -6.39
CA ASN A 195 -10.68 -15.47 -5.07
C ASN A 195 -11.47 -16.42 -4.17
N PRO A 196 -10.82 -17.53 -3.72
CA PRO A 196 -11.64 -18.46 -2.95
C PRO A 196 -11.65 -18.16 -1.48
N SER A 197 -11.43 -16.90 -1.11
CA SER A 197 -11.50 -16.54 0.29
C SER A 197 -12.93 -16.78 0.74
N ILE A 198 -13.09 -17.41 1.88
CA ILE A 198 -14.44 -17.74 2.35
C ILE A 198 -14.97 -16.62 3.21
N TYR A 199 -16.03 -15.95 2.75
CA TYR A 199 -16.56 -14.83 3.51
C TYR A 199 -17.51 -15.36 4.57
N CYS A 200 -16.99 -15.54 5.78
CA CYS A 200 -17.79 -16.05 6.88
C CYS A 200 -18.85 -15.04 7.29
N TYR A 201 -19.84 -15.51 8.02
CA TYR A 201 -20.99 -14.70 8.42
C TYR A 201 -21.36 -14.98 9.87
N GLN A 202 -22.22 -14.11 10.41
CA GLN A 202 -22.49 -14.08 11.84
C GLN A 202 -23.01 -15.41 12.37
N GLN A 203 -23.75 -16.17 11.58
CA GLN A 203 -24.32 -17.41 12.10
C GLN A 203 -23.23 -18.45 12.31
N VAL A 204 -22.04 -18.21 11.74
CA VAL A 204 -20.92 -19.13 11.90
C VAL A 204 -19.83 -18.37 12.66
N SER A 205 -20.26 -17.51 13.59
CA SER A 205 -19.31 -16.72 14.36
C SER A 205 -18.35 -17.64 15.11
N PRO A 206 -17.05 -17.38 15.05
CA PRO A 206 -16.08 -18.27 15.71
C PRO A 206 -16.29 -18.30 17.22
N VAL A 207 -16.06 -19.48 17.79
CA VAL A 207 -16.23 -19.71 19.22
C VAL A 207 -15.02 -20.45 19.75
N PRO A 208 -14.74 -20.33 21.05
CA PRO A 208 -13.60 -21.04 21.63
C PRO A 208 -13.74 -22.56 21.46
N TYR A 209 -12.61 -23.21 21.24
CA TYR A 209 -12.58 -24.65 21.04
C TYR A 209 -12.86 -25.38 22.36
N ASN A 210 -13.64 -26.45 22.29
CA ASN A 210 -13.90 -27.32 23.42
C ASN A 210 -13.68 -28.77 22.99
N PRO A 211 -12.83 -29.53 23.68
CA PRO A 211 -12.61 -30.93 23.26
C PRO A 211 -13.84 -31.82 23.41
N ALA A 212 -14.83 -31.41 24.22
CA ALA A 212 -15.97 -32.28 24.49
C ALA A 212 -16.91 -32.36 23.29
N LYS A 213 -17.20 -31.23 22.66
CA LYS A 213 -18.22 -31.16 21.62
C LYS A 213 -17.67 -31.11 20.21
N HIS A 214 -16.45 -30.62 20.05
CA HIS A 214 -15.86 -30.47 18.73
C HIS A 214 -15.21 -31.79 18.21
N PRO A 215 -14.42 -31.72 17.11
CA PRO A 215 -13.76 -32.92 16.60
C PRO A 215 -12.68 -33.51 17.49
N ALA A 216 -12.30 -32.83 18.57
CA ALA A 216 -11.25 -33.31 19.47
C ALA A 216 -9.87 -33.40 18.83
N LEU A 217 -9.53 -32.42 18.01
CA LEU A 217 -8.19 -32.39 17.42
C LEU A 217 -7.18 -32.23 18.55
N PRO A 218 -6.01 -32.88 18.42
CA PRO A 218 -5.05 -32.82 19.54
C PRO A 218 -4.13 -31.61 19.65
N PHE A 219 -4.63 -30.47 20.12
CA PHE A 219 -3.75 -29.33 20.36
C PHE A 219 -3.82 -28.85 21.80
N SER A 220 -5.01 -28.48 22.26
CA SER A 220 -5.15 -27.88 23.58
C SER A 220 -6.61 -27.77 24.01
N GLY A 221 -6.86 -27.05 25.11
CA GLY A 221 -8.20 -26.82 25.59
C GLY A 221 -8.36 -25.36 25.97
N VAL A 222 -9.59 -25.00 26.31
CA VAL A 222 -9.94 -23.60 26.56
C VAL A 222 -10.70 -23.50 27.89
N ASP A 223 -10.31 -22.53 28.71
CA ASP A 223 -11.05 -22.17 29.91
C ASP A 223 -11.49 -20.72 29.79
N PRO A 224 -12.67 -20.45 29.22
CA PRO A 224 -13.08 -19.06 29.00
C PRO A 224 -13.16 -18.22 30.26
N GLY A 225 -13.54 -18.82 31.39
CA GLY A 225 -13.66 -18.04 32.62
C GLY A 225 -12.34 -17.50 33.11
N ALA A 226 -11.27 -18.29 32.98
CA ALA A 226 -9.95 -17.93 33.45
C ALA A 226 -9.18 -17.21 32.36
N PRO A 227 -8.33 -16.26 32.73
CA PRO A 227 -7.54 -15.54 31.74
C PRO A 227 -6.51 -16.43 31.08
N LEU A 228 -6.00 -15.91 29.96
CA LEU A 228 -5.00 -16.62 29.22
C LEU A 228 -3.64 -16.49 29.96
N PRO A 229 -2.70 -17.43 29.76
CA PRO A 229 -1.46 -17.38 30.53
C PRO A 229 -0.45 -16.39 30.00
N LEU A 230 0.31 -15.76 30.89
CA LEU A 230 1.38 -14.87 30.49
C LEU A 230 2.45 -15.66 29.72
N GLY A 231 3.24 -14.93 28.93
CA GLY A 231 4.24 -15.60 28.11
C GLY A 231 5.27 -16.37 28.92
N THR A 232 5.90 -15.71 29.90
CA THR A 232 6.86 -16.35 30.78
C THR A 232 7.06 -15.46 31.99
N PRO A 233 6.90 -15.99 33.21
CA PRO A 233 7.08 -15.18 34.42
C PRO A 233 8.53 -15.17 34.90
N ASN A 234 9.04 -13.99 35.26
CA ASN A 234 10.37 -13.83 35.84
C ASN A 234 11.45 -14.42 34.92
N ARG A 235 11.59 -13.76 33.76
CA ARG A 235 12.50 -14.24 32.73
C ARG A 235 13.92 -14.41 33.25
N LEU A 236 14.32 -13.62 34.25
CA LEU A 236 15.67 -13.74 34.79
C LEU A 236 15.81 -14.98 35.68
N SER A 237 14.70 -15.52 36.18
CA SER A 237 14.77 -16.58 37.18
C SER A 237 15.08 -17.94 36.59
N ILE A 238 14.90 -18.14 35.28
CA ILE A 238 15.03 -19.48 34.70
C ILE A 238 16.47 -19.95 34.79
N PRO A 239 16.73 -21.20 35.14
CA PRO A 239 18.09 -21.73 35.21
C PRO A 239 18.81 -21.66 33.87
N LYS A 240 20.04 -22.16 33.84
CA LYS A 240 20.82 -22.12 32.61
C LYS A 240 20.35 -23.11 31.55
N GLY A 241 19.90 -24.30 31.96
CA GLY A 241 19.48 -25.28 30.99
C GLY A 241 18.17 -25.02 30.29
N GLN A 242 17.17 -24.53 31.02
CA GLN A 242 15.86 -24.27 30.41
C GLN A 242 15.91 -23.00 29.58
N PRO A 243 15.48 -23.04 28.31
CA PRO A 243 15.51 -21.82 27.50
C PRO A 243 14.61 -20.73 28.07
N GLY A 244 15.07 -19.49 27.93
CA GLY A 244 14.26 -18.33 28.30
C GLY A 244 14.90 -17.35 29.27
N TYR A 245 16.15 -17.52 29.66
CA TYR A 245 16.78 -16.62 30.62
C TYR A 245 17.82 -15.75 29.91
N VAL A 246 18.07 -14.57 30.49
CA VAL A 246 19.05 -13.64 29.95
C VAL A 246 20.45 -14.16 30.27
N PRO A 247 21.34 -14.30 29.29
CA PRO A 247 22.67 -14.87 29.54
C PRO A 247 23.52 -13.96 30.41
N GLU A 248 24.76 -14.40 30.62
CA GLU A 248 25.66 -13.68 31.52
C GLU A 248 26.39 -12.55 30.80
N TRP A 249 26.42 -12.58 29.46
CA TRP A 249 27.08 -11.50 28.73
C TRP A 249 26.07 -10.45 28.25
N GLN A 250 24.79 -10.69 28.51
CA GLN A 250 23.75 -9.78 28.01
C GLN A 250 22.91 -9.16 29.12
N ARG A 251 23.26 -9.43 30.37
CA ARG A 251 22.49 -8.92 31.51
C ARG A 251 22.31 -7.40 31.63
N PRO A 252 23.41 -6.62 31.58
CA PRO A 252 23.19 -5.18 31.79
C PRO A 252 22.83 -4.39 30.53
N HIS A 253 22.12 -5.00 29.58
CA HIS A 253 21.71 -4.27 28.39
C HIS A 253 20.23 -4.50 28.14
N LEU A 254 19.46 -4.63 29.21
CA LEU A 254 18.03 -4.86 29.07
C LEU A 254 17.24 -3.57 29.01
N SER A 255 16.16 -3.57 28.24
CA SER A 255 15.33 -2.39 28.11
C SER A 255 14.39 -2.26 29.30
N THR A 256 14.22 -1.01 29.76
CA THR A 256 13.26 -0.69 30.80
C THR A 256 11.88 -0.36 30.25
N LYS A 257 11.75 -0.22 28.94
CA LYS A 257 10.48 0.12 28.32
C LYS A 257 9.56 -1.08 28.29
N ASN A 258 8.29 -0.83 27.97
CA ASN A 258 7.29 -1.88 27.87
C ASN A 258 7.18 -2.34 26.42
N LYS A 259 8.20 -3.09 26.01
CA LYS A 259 8.23 -3.65 24.66
C LYS A 259 7.46 -4.98 24.65
N ARG A 260 7.22 -5.51 23.46
CA ARG A 260 6.52 -6.78 23.30
C ARG A 260 7.50 -7.91 23.57
N ILE A 261 7.24 -8.67 24.64
CA ILE A 261 8.11 -9.80 24.96
C ILE A 261 7.85 -10.94 23.98
N ARG A 262 8.93 -11.49 23.44
CA ARG A 262 8.89 -12.55 22.45
C ARG A 262 9.51 -13.82 23.04
N LYS A 263 9.03 -14.97 22.59
CA LYS A 263 9.49 -16.24 23.14
C LYS A 263 10.12 -17.20 22.14
N TRP A 264 9.65 -17.26 20.89
CA TRP A 264 9.96 -18.40 20.03
C TRP A 264 10.84 -18.06 18.84
N TYR A 265 10.44 -17.15 17.95
CA TYR A 265 11.04 -17.07 16.61
C TYR A 265 12.29 -16.20 16.64
N ALA A 266 13.39 -16.81 17.08
CA ALA A 266 14.73 -16.26 16.91
C ALA A 266 15.56 -17.10 15.94
N ARG A 267 14.94 -18.08 15.28
CA ARG A 267 15.58 -19.04 14.39
C ARG A 267 16.59 -19.92 15.12
N ALA A 268 16.42 -20.14 16.42
CA ALA A 268 17.23 -21.10 17.15
C ALA A 268 16.64 -22.49 16.99
N ASN A 269 15.39 -22.64 17.43
CA ASN A 269 14.62 -23.87 17.23
C ASN A 269 13.28 -23.54 16.59
N TRP A 270 13.35 -22.72 15.53
CA TRP A 270 12.14 -22.25 14.87
C TRP A 270 11.32 -23.39 14.29
N ARG A 271 11.99 -24.47 13.88
CA ARG A 271 11.28 -25.62 13.33
C ARG A 271 10.56 -26.45 14.38
N ARG A 272 10.73 -26.13 15.67
CA ARG A 272 10.11 -26.90 16.75
C ARG A 272 8.62 -26.57 16.80
N LYS A 273 7.89 -27.19 15.86
CA LYS A 273 6.45 -27.02 15.77
C LYS A 273 5.73 -27.41 17.07
N PRO A 274 6.13 -28.48 17.76
CA PRO A 274 5.55 -28.72 19.10
C PRO A 274 5.73 -27.56 20.05
N GLY A 275 6.61 -26.62 19.73
CA GLY A 275 6.80 -25.47 20.59
C GLY A 275 5.58 -24.58 20.64
N ARG A 276 5.28 -23.90 19.54
CA ARG A 276 4.15 -22.99 19.51
C ARG A 276 2.80 -23.69 19.70
N LYS A 277 2.67 -24.91 19.18
CA LYS A 277 1.41 -25.64 19.29
C LYS A 277 1.02 -25.98 20.73
N SER A 278 2.00 -26.34 21.56
CA SER A 278 1.71 -26.61 22.97
C SER A 278 1.10 -25.38 23.63
N ALA A 293 -1.59 -23.69 23.03
CA ALA A 293 -2.06 -22.66 22.09
C ALA A 293 -3.49 -22.25 22.42
N ILE A 294 -4.02 -21.24 21.72
CA ILE A 294 -5.38 -20.77 21.98
C ILE A 294 -6.25 -21.07 20.76
N PRO A 295 -7.00 -22.17 20.77
CA PRO A 295 -7.79 -22.53 19.59
C PRO A 295 -9.21 -21.98 19.60
N ILE A 296 -9.64 -21.45 18.46
CA ILE A 296 -11.02 -21.07 18.21
C ILE A 296 -11.44 -21.67 16.88
N ILE A 297 -12.72 -22.00 16.76
CA ILE A 297 -13.17 -22.91 15.70
C ILE A 297 -14.24 -22.22 14.85
N VAL A 298 -14.22 -22.52 13.55
CA VAL A 298 -15.20 -22.05 12.58
C VAL A 298 -15.66 -23.27 11.78
N THR A 299 -16.97 -23.52 11.76
CA THR A 299 -17.52 -24.72 11.14
C THR A 299 -18.67 -24.35 10.22
N ILE A 300 -18.54 -24.65 8.93
CA ILE A 300 -19.63 -24.42 7.99
C ILE A 300 -20.10 -25.79 7.55
N GLY A 301 -21.33 -26.15 7.87
CA GLY A 301 -21.79 -27.50 7.57
C GLY A 301 -20.96 -28.54 8.30
N LYS A 302 -20.50 -29.56 7.59
CA LYS A 302 -19.67 -30.60 8.20
C LYS A 302 -18.21 -30.29 8.00
N ASP A 303 -17.88 -29.03 7.79
CA ASP A 303 -16.49 -28.63 7.52
C ASP A 303 -16.03 -27.64 8.57
N TRP A 304 -14.92 -27.92 9.26
CA TRP A 304 -14.50 -27.06 10.35
C TRP A 304 -13.06 -26.60 10.13
N ILE A 305 -12.67 -25.58 10.89
CA ILE A 305 -11.31 -25.04 10.85
C ILE A 305 -11.04 -24.34 12.19
N VAL A 306 -9.78 -24.36 12.61
CA VAL A 306 -9.36 -23.80 13.89
C VAL A 306 -8.19 -22.86 13.65
N MET A 307 -8.03 -21.88 14.53
CA MET A 307 -6.98 -20.90 14.35
C MET A 307 -6.43 -20.49 15.71
N ASP A 308 -5.47 -19.58 15.73
CA ASP A 308 -4.84 -19.17 16.98
C ASP A 308 -5.27 -17.79 17.44
N ALA A 309 -5.69 -17.69 18.69
CA ALA A 309 -6.10 -16.40 19.24
C ALA A 309 -4.91 -15.58 19.67
N ARG A 310 -3.72 -16.17 19.61
CA ARG A 310 -2.52 -15.42 19.93
C ARG A 310 -2.40 -14.22 19.00
N GLY A 311 -2.94 -14.32 17.79
CA GLY A 311 -2.96 -13.17 16.90
C GLY A 311 -3.86 -12.08 17.44
N LEU A 312 -5.01 -12.47 17.98
CA LEU A 312 -5.91 -11.50 18.57
C LEU A 312 -5.26 -10.87 19.79
N LEU A 313 -4.51 -11.64 20.56
CA LEU A 313 -3.86 -11.13 21.76
C LEU A 313 -2.82 -10.02 21.51
N ARG A 314 -2.03 -10.15 20.45
CA ARG A 314 -1.09 -9.06 20.13
C ARG A 314 -1.82 -7.76 19.86
N ALA A 315 -2.91 -7.83 19.09
CA ALA A 315 -3.64 -6.63 18.72
C ALA A 315 -4.32 -6.00 19.93
N VAL A 316 -4.86 -6.84 20.80
CA VAL A 316 -5.57 -6.32 21.98
C VAL A 316 -4.59 -5.63 22.93
N TYR A 317 -3.34 -6.08 22.96
CA TYR A 317 -2.35 -5.51 23.86
C TYR A 317 -1.69 -4.27 23.26
N TRP A 318 -1.20 -4.37 22.03
CA TRP A 318 -0.47 -3.25 21.43
C TRP A 318 -1.36 -2.02 21.30
N ARG A 319 -2.59 -2.21 20.84
CA ARG A 319 -3.48 -1.08 20.58
C ARG A 319 -4.00 -0.42 21.85
N GLY A 320 -3.76 -1.00 23.02
CA GLY A 320 -4.17 -0.40 24.27
C GLY A 320 -5.63 -0.56 24.61
N ILE A 321 -6.35 -1.49 23.97
CA ILE A 321 -7.77 -1.66 24.28
C ILE A 321 -7.94 -2.66 25.43
N ALA A 322 -6.93 -3.50 25.66
CA ALA A 322 -7.00 -4.45 26.76
C ALA A 322 -7.22 -3.74 28.09
N SER A 327 -9.89 -13.74 29.63
CA SER A 327 -11.13 -14.30 29.10
C SER A 327 -11.09 -14.36 27.57
N LEU A 328 -11.18 -15.58 27.03
CA LEU A 328 -11.16 -15.73 25.58
C LEU A 328 -12.44 -15.19 24.95
N LYS A 329 -13.57 -15.33 25.64
CA LYS A 329 -14.82 -14.77 25.12
C LYS A 329 -14.75 -13.27 24.99
N GLU A 330 -14.14 -12.60 25.97
CA GLU A 330 -13.94 -11.16 25.88
C GLU A 330 -13.04 -10.80 24.71
N LEU A 331 -12.04 -11.65 24.43
CA LEU A 331 -11.16 -11.40 23.29
C LEU A 331 -11.91 -11.58 21.97
N LEU A 332 -12.72 -12.64 21.86
CA LEU A 332 -13.52 -12.82 20.67
C LEU A 332 -14.62 -11.76 20.57
N GLY A 333 -15.08 -11.26 21.72
CA GLY A 333 -16.11 -10.24 21.72
C GLY A 333 -15.65 -8.94 21.08
N PHE A 334 -14.37 -8.61 21.25
CA PHE A 334 -13.82 -7.39 20.63
C PHE A 334 -13.90 -7.46 19.11
N PHE A 335 -13.63 -8.62 18.53
CA PHE A 335 -13.57 -8.70 17.08
C PHE A 335 -14.91 -9.20 16.52
N SER A 336 -14.98 -9.26 15.20
CA SER A 336 -16.20 -9.60 14.48
C SER A 336 -16.30 -11.11 14.27
N GLY A 337 -17.55 -11.58 14.13
CA GLY A 337 -17.77 -12.99 13.90
C GLY A 337 -17.78 -13.38 12.43
N ASP A 338 -17.42 -12.45 11.55
CA ASP A 338 -17.45 -12.71 10.12
C ASP A 338 -16.08 -12.49 9.49
N PRO A 339 -15.06 -13.30 9.83
CA PRO A 339 -13.74 -13.10 9.25
C PRO A 339 -13.64 -13.62 7.83
N VAL A 340 -12.44 -13.58 7.26
CA VAL A 340 -12.18 -14.06 5.91
C VAL A 340 -11.12 -15.14 5.97
N LEU A 341 -11.44 -16.29 5.38
CA LEU A 341 -10.59 -17.48 5.43
C LEU A 341 -9.82 -17.59 4.11
N ASP A 342 -8.65 -16.96 4.07
CA ASP A 342 -7.82 -17.05 2.88
C ASP A 342 -7.15 -18.42 2.82
N PRO A 343 -7.38 -19.20 1.76
CA PRO A 343 -6.76 -20.53 1.67
C PRO A 343 -5.27 -20.46 1.40
N LYS A 344 -4.88 -19.63 0.43
CA LYS A 344 -3.47 -19.54 0.04
C LYS A 344 -2.61 -18.87 1.09
N ARG A 345 -3.09 -17.78 1.66
CA ARG A 345 -2.29 -17.03 2.62
C ARG A 345 -2.10 -17.81 3.91
N GLY A 346 -3.04 -18.70 4.23
CA GLY A 346 -3.03 -19.40 5.49
C GLY A 346 -3.39 -18.56 6.68
N ILE A 347 -3.96 -17.38 6.47
CA ILE A 347 -4.26 -16.44 7.54
C ILE A 347 -5.72 -16.02 7.47
N ALA A 348 -6.36 -15.89 8.63
CA ALA A 348 -7.71 -15.36 8.70
C ALA A 348 -7.62 -13.90 9.14
N THR A 349 -8.55 -13.09 8.62
CA THR A 349 -8.47 -11.64 8.80
C THR A 349 -9.74 -11.18 9.53
N PHE A 350 -9.59 -10.88 10.82
CA PHE A 350 -10.69 -10.35 11.61
C PHE A 350 -10.78 -8.84 11.49
N THR A 351 -11.98 -8.31 11.73
CA THR A 351 -12.24 -6.89 11.71
C THR A 351 -12.79 -6.45 13.07
N PHE A 352 -12.29 -5.32 13.56
CA PHE A 352 -12.74 -4.77 14.84
C PHE A 352 -14.22 -4.37 14.74
N LYS A 353 -14.80 -4.07 15.90
CA LYS A 353 -16.17 -3.59 15.92
C LYS A 353 -16.11 -2.08 15.71
N LEU A 354 -17.27 -1.43 15.76
CA LEU A 354 -17.34 0.02 15.52
C LEU A 354 -16.57 0.79 16.58
N GLY A 355 -16.73 0.39 17.86
CA GLY A 355 -16.12 1.14 18.95
C GLY A 355 -14.84 0.55 19.48
N ALA A 356 -14.35 -0.53 18.87
CA ALA A 356 -13.16 -1.19 19.40
C ALA A 356 -11.93 -0.29 19.28
N VAL A 357 -11.78 0.39 18.16
CA VAL A 357 -10.70 1.35 17.94
C VAL A 357 -11.31 2.73 17.74
N ALA A 358 -10.99 3.65 18.64
CA ALA A 358 -11.57 5.00 18.62
C ALA A 358 -10.74 5.90 17.70
N VAL A 359 -10.86 5.65 16.41
CA VAL A 359 -10.24 6.48 15.38
C VAL A 359 -11.30 6.85 14.35
N HIS A 360 -11.38 8.13 14.02
CA HIS A 360 -12.38 8.65 13.09
C HIS A 360 -11.71 8.87 11.74
N SER A 361 -12.11 8.09 10.73
CA SER A 361 -11.57 8.27 9.40
C SER A 361 -11.99 9.63 8.83
N ARG A 362 -11.01 10.46 8.50
CA ARG A 362 -11.24 11.81 8.02
C ARG A 362 -10.61 11.96 6.64
N LYS A 363 -10.79 13.14 6.06
CA LYS A 363 -10.32 13.46 4.73
C LYS A 363 -9.50 14.75 4.78
N PRO A 364 -8.56 14.93 3.85
CA PRO A 364 -7.78 16.17 3.83
C PRO A 364 -8.67 17.39 3.65
N THR A 365 -8.30 18.48 4.32
CA THR A 365 -9.04 19.73 4.28
C THR A 365 -8.13 20.83 3.75
N ARG A 366 -8.66 21.63 2.81
CA ARG A 366 -7.84 22.66 2.18
C ARG A 366 -7.47 23.76 3.17
N GLY A 367 -8.42 24.14 4.01
CA GLY A 367 -8.17 25.18 5.00
C GLY A 367 -9.40 25.34 5.86
N LYS A 368 -9.26 26.00 7.01
CA LYS A 368 -10.39 26.19 7.92
C LYS A 368 -11.07 24.88 8.29
N LYS A 369 -10.26 23.86 8.55
CA LYS A 369 -10.80 22.57 8.96
C LYS A 369 -11.63 22.76 10.21
N SER A 370 -11.05 23.43 11.20
CA SER A 370 -11.74 23.65 12.47
C SER A 370 -11.02 24.71 13.27
N LYS A 371 -11.74 25.76 13.64
CA LYS A 371 -11.15 26.82 14.45
C LYS A 371 -10.73 26.28 15.81
N GLU A 372 -11.55 25.39 16.38
CA GLU A 372 -11.23 24.77 17.67
C GLU A 372 -11.01 25.79 18.77
N HIS A 383 -4.19 24.89 22.94
CA HIS A 383 -3.50 25.19 21.70
C HIS A 383 -3.44 23.96 20.80
N VAL A 384 -3.17 24.18 19.52
CA VAL A 384 -3.13 23.11 18.53
C VAL A 384 -1.74 23.05 17.92
N GLY A 385 -1.14 21.86 17.99
CA GLY A 385 0.18 21.62 17.45
C GLY A 385 0.11 21.45 15.94
N LEU A 386 0.88 22.26 15.22
CA LEU A 386 0.89 22.26 13.76
C LEU A 386 2.29 21.90 13.29
N VAL A 387 2.36 20.93 12.38
CA VAL A 387 3.64 20.47 11.83
C VAL A 387 3.63 20.74 10.34
N ALA A 388 4.68 21.40 9.85
CA ALA A 388 4.80 21.78 8.44
C ALA A 388 5.80 20.83 7.79
N ILE A 389 5.32 19.69 7.31
CA ILE A 389 6.21 18.72 6.68
C ILE A 389 6.71 19.26 5.36
N ASP A 390 7.98 19.63 5.32
CA ASP A 390 8.65 20.07 4.10
C ASP A 390 9.60 18.97 3.66
N LEU A 391 9.41 18.47 2.44
CA LEU A 391 10.18 17.35 1.92
C LEU A 391 11.47 17.88 1.26
N GLY A 392 12.38 18.34 2.11
CA GLY A 392 13.63 18.88 1.60
C GLY A 392 14.49 17.82 0.95
N GLN A 393 15.39 18.23 0.06
CA GLN A 393 16.25 17.29 -0.63
C GLN A 393 17.28 16.70 0.32
N THR A 394 17.80 17.51 1.24
CA THR A 394 18.86 17.04 2.13
C THR A 394 18.35 15.95 3.06
N ASN A 395 17.14 16.11 3.57
CA ASN A 395 16.55 15.19 4.53
C ASN A 395 15.16 14.81 4.09
N PRO A 396 14.83 13.50 4.03
CA PRO A 396 13.51 13.10 3.53
C PRO A 396 12.35 13.80 4.23
N VAL A 397 12.49 14.12 5.51
CA VAL A 397 11.48 14.89 6.22
C VAL A 397 12.12 16.10 6.88
N ALA A 398 11.35 17.19 6.99
CA ALA A 398 11.77 18.38 7.70
C ALA A 398 10.52 19.08 8.20
N ALA A 399 10.52 19.44 9.48
CA ALA A 399 9.29 19.87 10.12
C ALA A 399 9.49 21.08 11.02
N GLU A 400 8.99 22.23 10.57
CA GLU A 400 9.00 23.43 11.40
C GLU A 400 7.82 23.37 12.37
N PHE A 401 8.08 22.91 13.59
CA PHE A 401 7.02 22.80 14.59
C PHE A 401 6.50 24.19 14.96
N SER A 402 5.18 24.33 15.00
CA SER A 402 4.58 25.62 15.32
C SER A 402 3.36 25.43 16.20
N ARG A 403 3.29 26.20 17.27
CA ARG A 403 2.12 26.13 18.13
C ARG A 403 1.21 27.26 17.71
N VAL A 404 0.03 26.90 17.23
CA VAL A 404 -0.91 27.92 16.77
C VAL A 404 -2.08 28.03 17.71
N LYS A 405 -2.70 29.21 17.76
CA LYS A 405 -3.84 29.42 18.66
C LYS A 405 -4.87 30.31 18.00
N ARG A 406 -6.13 30.22 18.42
CA ARG A 406 -7.20 30.99 17.79
C ARG A 406 -7.20 32.48 18.07
N GLU A 407 -7.61 33.29 17.08
CA GLU A 407 -7.69 34.75 17.23
C GLU A 407 -6.61 35.31 18.15
N GLU A 414 2.92 30.73 16.44
CA GLU A 414 4.19 30.95 17.10
C GLU A 414 5.13 29.78 16.82
N PRO A 415 6.29 30.04 16.20
CA PRO A 415 7.25 28.96 15.93
C PRO A 415 7.85 28.39 17.20
N LEU A 416 8.06 27.07 17.24
CA LEU A 416 8.68 26.40 18.37
C LEU A 416 10.01 25.76 18.01
N GLY A 417 10.56 26.08 16.85
CA GLY A 417 11.82 25.50 16.42
C GLY A 417 11.64 24.48 15.31
N GLN A 418 12.73 23.80 15.00
CA GLN A 418 12.74 22.81 13.94
C GLN A 418 13.52 21.58 14.38
N ILE A 419 12.90 20.41 14.22
CA ILE A 419 13.53 19.13 14.44
C ILE A 419 13.20 18.27 13.24
N VAL A 420 14.19 17.56 12.70
CA VAL A 420 14.02 16.91 11.41
C VAL A 420 13.95 15.40 11.54
N LEU A 421 15.02 14.77 12.03
CA LEU A 421 15.11 13.31 12.03
C LEU A 421 16.38 12.92 12.78
N PRO A 422 16.38 11.77 13.45
CA PRO A 422 17.58 11.32 14.15
C PRO A 422 18.56 10.62 13.21
N ASP A 423 19.79 10.46 13.71
CA ASP A 423 20.85 9.88 12.89
C ASP A 423 20.55 8.43 12.53
N ASP A 424 20.03 7.66 13.49
CA ASP A 424 19.78 6.24 13.23
C ASP A 424 18.70 6.04 12.17
N LEU A 425 17.62 6.82 12.26
CA LEU A 425 16.52 6.66 11.30
C LEU A 425 16.97 7.02 9.89
N VAL A 426 17.74 8.10 9.74
CA VAL A 426 18.31 8.44 8.44
C VAL A 426 19.23 7.31 7.97
N LYS A 427 19.98 6.71 8.89
CA LYS A 427 20.82 5.57 8.54
C LYS A 427 19.98 4.42 8.02
N ASP A 428 18.84 4.16 8.65
CA ASP A 428 17.93 3.13 8.17
C ASP A 428 17.37 3.49 6.79
N LEU A 429 16.96 4.75 6.61
CA LEU A 429 16.49 5.19 5.29
C LEU A 429 17.61 5.11 4.26
N THR A 430 18.83 5.53 4.63
CA THR A 430 19.97 5.36 3.75
C THR A 430 20.25 3.89 3.50
N ARG A 431 20.05 3.05 4.51
CA ARG A 431 20.16 1.61 4.31
C ARG A 431 19.10 1.12 3.33
N TYR A 432 17.87 1.65 3.44
CA TYR A 432 16.83 1.28 2.48
C TYR A 432 17.11 1.88 1.11
N ARG A 433 17.71 3.07 1.08
CA ARG A 433 18.04 3.70 -0.18
C ARG A 433 18.86 2.74 -1.01
N ARG A 434 19.92 2.19 -0.41
CA ARG A 434 20.72 1.20 -1.12
C ARG A 434 19.93 -0.08 -1.34
N ALA A 435 19.02 -0.40 -0.42
CA ALA A 435 18.22 -1.62 -0.56
C ALA A 435 17.23 -1.49 -1.71
N TRP A 436 16.55 -0.34 -1.81
CA TRP A 436 15.57 -0.15 -2.88
C TRP A 436 16.26 0.02 -4.23
N ASP A 437 17.36 0.77 -4.25
CA ASP A 437 18.07 0.99 -5.51
C ASP A 437 18.59 -0.33 -6.09
N ALA A 438 19.21 -1.17 -5.26
CA ALA A 438 19.86 -2.37 -5.76
C ALA A 438 18.90 -3.25 -6.56
N THR A 439 17.61 -3.22 -6.20
CA THR A 439 16.64 -4.04 -6.91
C THR A 439 16.15 -3.37 -8.19
N GLU A 440 16.02 -2.04 -8.18
CA GLU A 440 15.36 -1.37 -9.29
C GLU A 440 16.12 -1.54 -10.60
N GLU A 441 17.40 -1.21 -10.63
CA GLU A 441 18.17 -1.40 -11.86
C GLU A 441 18.32 -2.89 -12.18
N GLN A 442 18.41 -3.73 -11.15
CA GLN A 442 18.46 -5.17 -11.39
C GLN A 442 17.17 -5.65 -12.06
N ILE A 443 16.02 -5.19 -11.57
CA ILE A 443 14.75 -5.50 -12.22
C ILE A 443 14.63 -4.78 -13.55
N LYS A 444 15.03 -3.49 -13.59
CA LYS A 444 14.90 -2.72 -14.82
C LYS A 444 15.81 -3.26 -15.92
N ALA A 445 16.96 -3.83 -15.52
CA ALA A 445 17.83 -4.45 -16.52
C ALA A 445 17.13 -5.60 -17.23
N GLU A 446 16.36 -6.40 -16.49
CA GLU A 446 15.64 -7.51 -17.10
C GLU A 446 14.53 -7.02 -18.01
N ALA A 447 14.07 -5.78 -17.82
CA ALA A 447 13.04 -5.22 -18.69
C ALA A 447 13.55 -5.09 -20.12
N ILE A 448 14.79 -4.64 -20.29
CA ILE A 448 15.38 -4.59 -21.63
C ILE A 448 15.51 -5.99 -22.20
N VAL A 449 15.83 -6.96 -21.35
CA VAL A 449 15.92 -8.35 -21.80
C VAL A 449 14.57 -8.83 -22.32
N GLN A 450 13.49 -8.48 -21.60
CA GLN A 450 12.15 -8.80 -22.09
C GLN A 450 11.87 -8.11 -23.42
N LEU A 451 12.25 -6.85 -23.55
CA LEU A 451 11.85 -6.06 -24.70
C LEU A 451 12.53 -6.61 -25.95
N PRO A 452 11.80 -6.72 -27.06
CA PRO A 452 12.39 -7.32 -28.27
C PRO A 452 13.58 -6.53 -28.78
N GLU A 453 14.39 -7.19 -29.60
CA GLU A 453 15.63 -6.58 -30.10
C GLU A 453 15.36 -5.30 -30.85
N GLU A 454 14.23 -5.23 -31.56
CA GLU A 454 13.86 -4.02 -32.29
C GLU A 454 13.27 -3.01 -31.33
N CYS A 455 12.54 -3.50 -30.32
CA CYS A 455 11.90 -2.61 -29.36
C CYS A 455 12.90 -2.12 -28.31
N ARG A 456 13.94 -2.88 -28.01
CA ARG A 456 14.95 -2.38 -27.06
C ARG A 456 15.92 -1.39 -27.70
N ALA A 457 15.96 -1.34 -29.03
CA ALA A 457 16.85 -0.41 -29.73
C ALA A 457 16.52 1.05 -29.45
N GLU A 458 15.23 1.37 -29.41
CA GLU A 458 14.81 2.75 -29.15
C GLU A 458 15.23 3.21 -27.76
N VAL A 459 15.20 2.31 -26.79
CA VAL A 459 15.59 2.65 -25.43
C VAL A 459 17.05 3.07 -25.42
N VAL A 460 17.88 2.42 -26.22
CA VAL A 460 19.28 2.80 -26.30
C VAL A 460 19.44 4.24 -26.80
N LYS A 461 18.62 4.64 -27.78
CA LYS A 461 18.70 6.00 -28.31
C LYS A 461 18.30 7.09 -27.30
N VAL A 462 17.17 6.92 -26.63
CA VAL A 462 16.68 7.93 -25.69
C VAL A 462 17.59 8.02 -24.48
N ASN A 463 18.42 7.00 -24.26
CA ASN A 463 19.36 7.02 -23.14
C ASN A 463 20.80 7.30 -23.55
N GLN A 464 21.46 6.31 -24.13
CA GLN A 464 22.87 6.45 -24.53
C GLN A 464 23.10 7.51 -25.60
N MET A 465 22.19 7.65 -26.54
CA MET A 465 22.41 8.58 -27.66
C MET A 465 21.94 10.01 -27.42
N SER A 466 21.59 10.36 -26.18
CA SER A 466 21.22 11.74 -25.86
C SER A 466 22.09 12.80 -26.57
N ALA A 467 23.40 12.59 -26.64
CA ALA A 467 24.28 13.53 -27.32
C ALA A 467 24.15 13.40 -28.83
N GLU A 468 23.90 12.20 -29.34
CA GLU A 468 23.76 11.99 -30.78
C GLU A 468 22.58 12.80 -31.31
N GLU A 469 21.44 12.71 -30.64
CA GLU A 469 20.31 13.54 -31.04
C GLU A 469 20.62 15.02 -30.84
N THR A 470 21.46 15.33 -29.85
CA THR A 470 21.93 16.71 -29.69
C THR A 470 22.85 17.11 -30.84
N LYS A 471 23.60 16.15 -31.38
CA LYS A 471 24.40 16.41 -32.57
C LYS A 471 23.51 16.82 -33.74
N HIS A 472 22.38 16.14 -33.89
CA HIS A 472 21.37 16.57 -34.85
C HIS A 472 20.80 17.93 -34.48
N LEU A 473 20.65 18.18 -33.17
CA LEU A 473 20.14 19.48 -32.73
C LEU A 473 21.05 20.58 -33.26
N ILE A 474 22.36 20.32 -33.29
CA ILE A 474 23.29 21.31 -33.83
C ILE A 474 22.92 21.67 -35.26
N LEU A 475 22.66 20.65 -36.08
CA LEU A 475 22.38 20.88 -37.49
C LEU A 475 21.07 21.64 -37.68
N ASP A 476 20.03 21.25 -36.95
CA ASP A 476 18.73 21.90 -37.10
C ASP A 476 18.78 23.34 -36.61
N ARG A 477 19.34 23.56 -35.43
CA ARG A 477 19.49 24.92 -34.92
C ARG A 477 20.50 25.73 -35.72
N GLY A 478 21.44 25.06 -36.39
CA GLY A 478 22.45 25.75 -37.17
C GLY A 478 23.56 26.31 -36.31
N VAL A 479 23.58 25.93 -35.03
CA VAL A 479 24.59 26.41 -34.09
C VAL A 479 25.94 25.81 -34.47
N SER A 480 27.02 26.47 -34.07
CA SER A 480 28.37 26.01 -34.36
C SER A 480 29.10 25.65 -33.07
N GLY A 481 30.28 25.09 -33.23
CA GLY A 481 31.11 24.69 -32.12
C GLY A 481 31.89 25.81 -31.46
N ASP A 482 31.78 27.03 -31.97
CA ASP A 482 32.47 28.16 -31.35
C ASP A 482 31.94 28.45 -29.95
N LEU A 483 30.68 28.07 -29.69
CA LEU A 483 30.09 28.28 -28.39
C LEU A 483 30.18 26.98 -27.60
N PRO A 484 31.01 26.92 -26.56
CA PRO A 484 31.16 25.67 -25.80
C PRO A 484 29.88 25.30 -25.05
N TRP A 485 29.68 23.99 -24.90
CA TRP A 485 28.49 23.50 -24.22
C TRP A 485 28.51 23.87 -22.74
N GLU A 486 29.69 23.81 -22.12
CA GLU A 486 29.81 24.12 -20.69
C GLU A 486 29.59 25.60 -20.42
N LYS A 487 29.73 26.44 -21.45
CA LYS A 487 29.51 27.88 -21.25
C LYS A 487 28.08 28.19 -20.88
N MET A 488 27.12 27.41 -21.40
CA MET A 488 25.72 27.71 -21.18
C MET A 488 25.30 27.42 -19.74
N THR A 489 24.20 28.05 -19.33
CA THR A 489 23.54 27.82 -18.05
C THR A 489 22.05 28.06 -18.32
N SER A 490 21.23 28.22 -17.28
CA SER A 490 19.83 28.57 -17.50
C SER A 490 19.70 29.83 -18.34
N ASN A 491 20.64 30.76 -18.18
CA ASN A 491 20.74 31.92 -19.07
C ASN A 491 21.37 31.44 -20.38
N THR A 492 20.53 30.91 -21.26
CA THR A 492 20.96 30.30 -22.52
C THR A 492 20.73 31.25 -23.69
N THR A 493 20.58 32.54 -23.40
CA THR A 493 20.35 33.54 -24.43
C THR A 493 21.50 33.65 -25.42
N PHE A 494 22.68 33.12 -25.09
CA PHE A 494 23.80 33.14 -26.03
C PHE A 494 23.49 32.31 -27.26
N ILE A 495 22.70 31.25 -27.10
CA ILE A 495 22.21 30.51 -28.26
C ILE A 495 21.33 31.39 -29.12
N SER A 496 20.42 32.14 -28.48
CA SER A 496 19.55 33.04 -29.24
C SER A 496 20.35 34.10 -29.98
N ASP A 497 21.38 34.64 -29.34
CA ASP A 497 22.27 35.57 -30.04
C ASP A 497 22.94 34.91 -31.23
N HIS A 498 23.39 33.66 -31.06
CA HIS A 498 23.93 32.90 -32.19
C HIS A 498 22.83 32.47 -33.14
N LEU A 499 21.64 32.17 -32.61
CA LEU A 499 20.50 31.85 -33.47
C LEU A 499 20.12 33.04 -34.33
N LEU A 500 20.09 34.24 -33.74
CA LEU A 500 19.78 35.43 -34.53
C LEU A 500 20.87 35.71 -35.56
N ALA A 501 22.10 35.26 -35.29
CA ALA A 501 23.17 35.39 -36.29
C ALA A 501 22.86 34.56 -37.53
N LYS A 502 22.19 33.42 -37.35
CA LYS A 502 21.79 32.60 -38.49
C LYS A 502 20.53 33.17 -39.14
N GLY A 503 19.43 33.24 -38.38
CA GLY A 503 18.22 33.89 -38.84
C GLY A 503 17.31 33.05 -39.70
N VAL A 504 17.69 31.82 -40.04
CA VAL A 504 16.84 30.97 -40.86
C VAL A 504 15.58 30.57 -40.09
N THR A 505 15.75 30.20 -38.83
CA THR A 505 14.63 29.93 -37.94
C THR A 505 14.69 30.87 -36.75
N ASP A 506 13.60 31.59 -36.48
CA ASP A 506 13.58 32.66 -35.49
C ASP A 506 12.45 32.41 -34.48
N GLN A 507 12.36 31.19 -33.97
CA GLN A 507 11.42 30.86 -32.91
C GLN A 507 11.95 31.41 -31.58
N VAL A 508 11.89 32.73 -31.46
CA VAL A 508 12.26 33.40 -30.23
C VAL A 508 11.19 34.37 -29.72
N PHE A 509 10.30 34.85 -30.57
CA PHE A 509 9.31 35.85 -30.17
C PHE A 509 7.98 35.25 -29.76
N PHE A 510 7.88 33.92 -29.67
CA PHE A 510 6.62 33.28 -29.31
C PHE A 510 6.29 33.55 -27.84
N GLU A 511 5.14 33.02 -27.42
CA GLU A 511 4.78 33.07 -26.00
C GLU A 511 5.59 32.05 -25.22
N LYS A 512 6.42 32.54 -24.32
CA LYS A 512 7.41 31.73 -23.63
C LYS A 512 6.90 31.34 -22.24
N LYS A 513 7.81 30.74 -21.45
CA LYS A 513 7.52 30.27 -20.10
C LYS A 513 6.69 31.25 -19.28
N TRP A 531 14.66 25.71 -26.21
CA TRP A 531 15.24 24.93 -27.30
C TRP A 531 15.65 23.53 -26.86
N VAL A 532 15.72 23.32 -25.54
CA VAL A 532 16.15 22.03 -25.01
C VAL A 532 15.15 20.95 -25.36
N LYS A 533 13.87 21.20 -25.07
CA LYS A 533 12.86 20.16 -25.21
C LYS A 533 12.40 20.01 -26.65
N LEU A 534 12.53 21.06 -27.46
CA LEU A 534 11.86 21.11 -28.75
C LEU A 534 12.33 19.98 -29.67
N LEU A 535 13.64 19.72 -29.72
CA LEU A 535 14.17 18.58 -30.44
C LEU A 535 14.48 17.39 -29.55
N ARG A 536 14.04 17.47 -28.30
CA ARG A 536 14.25 16.37 -27.35
C ARG A 536 13.37 15.15 -27.70
N PRO A 537 13.99 13.99 -28.05
CA PRO A 537 13.13 12.85 -28.43
C PRO A 537 12.41 12.25 -27.24
N ARG A 538 11.35 11.51 -27.55
CA ARG A 538 10.57 10.80 -26.57
C ARG A 538 10.32 9.38 -27.05
N LEU A 539 10.09 8.47 -26.10
CA LEU A 539 9.84 7.08 -26.43
C LEU A 539 8.52 6.94 -27.19
N SER A 540 8.52 6.04 -28.16
CA SER A 540 7.31 5.79 -28.94
C SER A 540 6.24 5.15 -28.06
N GLN A 541 4.99 5.58 -28.26
CA GLN A 541 3.89 5.08 -27.44
C GLN A 541 3.80 3.56 -27.50
N GLU A 542 3.88 3.01 -28.71
CA GLU A 542 3.73 1.57 -28.85
C GLU A 542 4.79 0.81 -28.05
N THR A 543 6.03 1.31 -28.05
CA THR A 543 7.07 0.68 -27.26
C THR A 543 6.92 0.97 -25.78
N ARG A 544 6.50 2.21 -25.47
CA ARG A 544 6.32 2.61 -24.07
C ARG A 544 5.39 1.66 -23.35
N LYS A 545 4.26 1.36 -23.96
CA LYS A 545 3.28 0.49 -23.32
C LYS A 545 3.84 -0.92 -23.15
N ALA A 546 4.82 -1.30 -23.98
CA ALA A 546 5.48 -2.58 -23.78
C ALA A 546 6.45 -2.52 -22.61
N VAL A 547 7.13 -1.39 -22.42
CA VAL A 547 8.12 -1.28 -21.36
C VAL A 547 7.46 -1.29 -19.99
N ASN A 548 6.46 -0.44 -19.80
CA ASN A 548 5.82 -0.33 -18.49
C ASN A 548 5.14 -1.61 -18.08
N ASP A 549 4.37 -2.22 -18.97
CA ASP A 549 3.59 -3.40 -18.62
C ASP A 549 4.51 -4.57 -18.26
N LYS A 550 5.50 -4.84 -19.11
CA LYS A 550 6.45 -5.93 -18.85
C LYS A 550 7.17 -5.70 -17.55
N THR A 551 7.66 -4.48 -17.35
CA THR A 551 8.32 -4.14 -16.09
C THR A 551 7.38 -4.36 -14.91
N TRP A 552 6.10 -4.00 -15.09
CA TRP A 552 5.11 -4.24 -14.04
C TRP A 552 4.92 -5.73 -13.78
N GLU A 553 4.96 -6.55 -14.84
CA GLU A 553 4.73 -7.99 -14.68
C GLU A 553 5.78 -8.60 -13.77
N LEU A 554 7.04 -8.23 -13.94
CA LEU A 554 8.10 -8.77 -13.08
C LEU A 554 8.05 -8.16 -11.69
N LYS A 555 7.62 -6.90 -11.57
CA LYS A 555 7.54 -6.29 -10.25
C LYS A 555 6.46 -6.95 -9.40
N ARG A 556 5.47 -7.56 -10.04
CA ARG A 556 4.43 -8.27 -9.30
C ARG A 556 4.78 -9.75 -9.17
N ALA A 557 5.84 -10.17 -9.84
CA ALA A 557 6.26 -11.56 -9.81
C ALA A 557 7.60 -11.76 -9.11
N SER A 558 8.22 -10.70 -8.61
CA SER A 558 9.49 -10.78 -7.90
C SER A 558 9.24 -10.68 -6.40
N THR A 559 9.72 -11.67 -5.65
CA THR A 559 9.49 -11.71 -4.22
C THR A 559 10.14 -10.53 -3.51
N GLU A 560 11.35 -10.16 -3.95
CA GLU A 560 12.09 -9.10 -3.26
C GLU A 560 11.36 -7.76 -3.33
N TYR A 561 10.81 -7.43 -4.50
CA TYR A 561 10.17 -6.12 -4.65
C TYR A 561 8.94 -6.01 -3.77
N VAL A 562 8.14 -7.07 -3.68
CA VAL A 562 6.94 -7.03 -2.85
C VAL A 562 7.31 -6.84 -1.38
N ARG A 563 8.39 -7.49 -0.94
CA ARG A 563 8.86 -7.29 0.43
C ARG A 563 9.31 -5.85 0.66
N LEU A 564 10.03 -5.28 -0.30
CA LEU A 564 10.53 -3.92 -0.15
C LEU A 564 9.39 -2.91 -0.13
N SER A 565 8.33 -3.17 -0.89
CA SER A 565 7.16 -2.29 -0.87
C SER A 565 6.51 -2.28 0.51
N ARG A 566 6.47 -3.45 1.17
CA ARG A 566 5.98 -3.48 2.55
C ARG A 566 6.90 -2.68 3.47
N ARG A 567 8.21 -2.84 3.31
CA ARG A 567 9.15 -2.10 4.14
C ARG A 567 9.11 -0.61 3.83
N LYS A 568 8.81 -0.26 2.58
CA LYS A 568 8.71 1.14 2.20
C LYS A 568 7.60 1.80 2.99
N THR A 569 6.45 1.14 3.06
CA THR A 569 5.31 1.71 3.78
C THR A 569 5.57 1.73 5.28
N GLU A 570 6.18 0.68 5.81
CA GLU A 570 6.49 0.63 7.24
C GLU A 570 7.42 1.76 7.64
N LEU A 571 8.45 2.02 6.84
CA LEU A 571 9.31 3.18 7.10
C LEU A 571 8.55 4.47 6.96
N ALA A 572 7.59 4.53 6.02
CA ALA A 572 6.78 5.74 5.86
C ALA A 572 6.03 6.07 7.14
N ARG A 573 5.41 5.06 7.77
CA ARG A 573 4.75 5.30 9.05
C ARG A 573 5.75 5.50 10.17
N ARG A 574 6.95 4.94 10.02
CA ARG A 574 7.99 5.17 11.03
C ARG A 574 8.35 6.65 11.08
N CYS A 575 8.50 7.28 9.91
CA CYS A 575 8.81 8.70 9.86
C CYS A 575 7.66 9.54 10.41
N VAL A 576 6.42 9.20 10.06
CA VAL A 576 5.29 9.99 10.54
C VAL A 576 5.05 9.72 12.03
N ASN A 577 5.39 8.52 12.49
CA ASN A 577 5.31 8.23 13.92
C ASN A 577 6.32 9.06 14.70
N TYR A 578 7.54 9.16 14.18
CA TYR A 578 8.54 10.00 14.82
C TYR A 578 8.14 11.46 14.79
N ILE A 579 7.57 11.92 13.68
CA ILE A 579 7.14 13.31 13.57
C ILE A 579 6.04 13.63 14.56
N VAL A 580 5.03 12.75 14.66
CA VAL A 580 3.92 13.02 15.58
C VAL A 580 4.38 12.90 17.03
N ARG A 581 5.25 11.92 17.32
CA ARG A 581 5.75 11.76 18.68
C ARG A 581 6.58 12.97 19.11
N GLU A 582 7.44 13.47 18.23
CA GLU A 582 8.17 14.69 18.53
C GLU A 582 7.23 15.88 18.67
N THR A 583 6.26 16.00 17.76
CA THR A 583 5.32 17.12 17.85
C THR A 583 4.51 17.06 19.13
N LYS A 584 4.09 15.86 19.54
CA LYS A 584 3.40 15.72 20.82
C LYS A 584 4.33 16.06 21.98
N ARG A 585 5.63 15.81 21.81
CA ARG A 585 6.59 16.08 22.87
C ARG A 585 7.13 17.50 22.80
N TRP A 586 7.62 17.91 21.62
CA TRP A 586 8.26 19.22 21.51
C TRP A 586 7.23 20.33 21.59
N THR A 587 6.08 20.16 20.96
CA THR A 587 5.04 21.20 20.99
C THR A 587 4.10 21.02 22.19
N GLN A 588 4.20 19.88 22.86
CA GLN A 588 3.38 19.60 24.04
C GLN A 588 1.90 19.80 23.75
N CYS A 589 1.42 19.15 22.70
CA CYS A 589 0.03 19.31 22.28
C CYS A 589 -0.59 17.96 22.03
N GLU A 590 -1.92 17.91 22.16
CA GLU A 590 -2.65 16.66 21.92
C GLU A 590 -3.13 16.57 20.47
N ASP A 591 -3.41 17.72 19.85
CA ASP A 591 -3.93 17.78 18.50
C ASP A 591 -2.78 18.03 17.53
N ILE A 592 -2.58 17.10 16.59
CA ILE A 592 -1.47 17.20 15.63
C ILE A 592 -2.10 17.53 14.29
N ALA A 593 -1.93 18.77 13.86
CA ALA A 593 -2.44 19.24 12.58
C ALA A 593 -1.30 19.21 11.56
N ILE A 594 -1.33 18.23 10.66
CA ILE A 594 -0.28 18.11 9.67
C ILE A 594 -0.60 18.96 8.44
N VAL A 595 0.41 19.69 7.97
CA VAL A 595 0.27 20.54 6.80
C VAL A 595 1.29 20.14 5.74
N ILE A 596 0.88 19.28 4.81
CA ILE A 596 1.77 18.80 3.76
C ILE A 596 1.55 19.62 2.49
N GLU A 597 2.50 19.57 1.58
CA GLU A 597 2.45 20.33 0.33
C GLU A 597 1.89 19.48 -0.80
N ASP A 598 0.92 20.03 -1.52
CA ASP A 598 0.29 19.29 -2.61
C ASP A 598 1.32 18.93 -3.68
N LEU A 599 1.33 17.66 -4.07
CA LEU A 599 2.31 17.12 -4.99
C LEU A 599 1.80 17.08 -6.43
N ASN A 600 0.64 17.68 -6.71
CA ASN A 600 0.09 17.62 -8.05
C ASN A 600 1.01 18.26 -9.07
N VAL A 601 1.59 19.42 -8.73
CA VAL A 601 2.57 20.09 -9.58
C VAL A 601 3.72 20.56 -8.71
N ARG A 602 4.90 19.99 -8.89
CA ARG A 602 6.05 20.49 -8.15
C ARG A 602 6.66 21.54 -9.04
N GLY A 608 16.84 22.57 -9.17
CA GLY A 608 17.57 23.46 -8.28
C GLY A 608 19.05 23.53 -8.62
N GLU A 609 19.67 22.39 -8.88
CA GLU A 609 21.09 22.36 -9.22
C GLU A 609 21.34 23.03 -10.56
N ARG A 610 22.50 23.66 -10.71
CA ARG A 610 22.85 24.37 -11.94
C ARG A 610 24.25 23.98 -12.43
N PRO A 611 24.45 22.71 -12.82
CA PRO A 611 25.64 22.39 -13.60
C PRO A 611 25.53 22.94 -15.01
N ASP A 612 26.61 23.55 -15.49
CA ASP A 612 26.55 24.28 -16.75
C ASP A 612 26.61 23.35 -17.96
N GLY A 613 27.05 22.11 -17.76
CA GLY A 613 27.21 21.21 -18.89
C GLY A 613 25.89 20.79 -19.50
N TRP A 614 25.92 20.51 -20.80
CA TRP A 614 24.73 20.01 -21.49
C TRP A 614 24.29 18.65 -20.95
N ASP A 615 25.24 17.85 -20.47
CA ASP A 615 24.89 16.53 -19.97
C ASP A 615 23.96 16.61 -18.77
N ASN A 616 24.11 17.65 -17.95
CA ASN A 616 23.27 17.80 -16.77
C ASN A 616 21.80 17.98 -17.14
N PHE A 617 21.52 18.73 -18.21
CA PHE A 617 20.15 18.91 -18.65
C PHE A 617 19.51 17.56 -18.98
N PHE A 618 20.29 16.63 -19.53
CA PHE A 618 19.79 15.27 -19.73
C PHE A 618 19.60 14.56 -18.39
N ILE A 619 20.50 14.78 -17.44
CA ILE A 619 20.41 14.09 -16.16
C ILE A 619 19.22 14.62 -15.38
N SER A 620 18.45 13.70 -14.78
CA SER A 620 17.21 14.00 -14.09
C SER A 620 17.25 13.39 -12.71
N LYS A 621 16.10 13.29 -12.05
CA LYS A 621 16.01 12.74 -10.69
C LYS A 621 16.89 13.52 -9.74
N ARG A 622 16.39 14.65 -9.27
CA ARG A 622 17.15 15.49 -8.35
C ARG A 622 17.22 14.87 -6.97
N GLU A 623 17.82 13.68 -6.86
CA GLU A 623 17.96 13.03 -5.56
C GLU A 623 16.64 13.01 -4.80
N ASN A 624 15.57 12.66 -5.49
CA ASN A 624 14.24 12.71 -4.91
C ASN A 624 13.41 11.57 -5.48
N ARG A 625 12.10 11.63 -5.24
CA ARG A 625 11.12 10.68 -5.74
C ARG A 625 11.30 9.28 -5.14
N TRP A 626 12.19 9.15 -4.15
CA TRP A 626 12.23 7.92 -3.38
C TRP A 626 11.02 7.82 -2.46
N PHE A 627 10.89 8.78 -1.56
CA PHE A 627 9.79 8.76 -0.59
C PHE A 627 8.79 9.89 -0.79
N ILE A 628 8.94 10.66 -1.86
CA ILE A 628 8.06 11.81 -2.08
C ILE A 628 6.61 11.35 -2.19
N GLN A 629 6.35 10.37 -3.05
CA GLN A 629 5.00 9.84 -3.19
C GLN A 629 4.56 9.11 -1.93
N VAL A 630 5.53 8.54 -1.19
CA VAL A 630 5.20 7.59 -0.14
C VAL A 630 4.80 8.31 1.14
N LEU A 631 5.58 9.31 1.56
CA LEU A 631 5.21 10.09 2.75
C LEU A 631 3.93 10.88 2.51
N HIS A 632 3.73 11.40 1.31
CA HIS A 632 2.52 12.17 1.06
C HIS A 632 1.27 11.31 1.18
N LYS A 633 1.31 10.10 0.63
CA LYS A 633 0.17 9.20 0.81
C LYS A 633 0.11 8.68 2.24
N ALA A 634 1.27 8.46 2.86
CA ALA A 634 1.27 8.03 4.25
C ALA A 634 0.75 9.12 5.18
N PHE A 635 1.18 10.36 4.98
CA PHE A 635 0.70 11.46 5.81
C PHE A 635 -0.80 11.68 5.59
N SER A 636 -1.25 11.57 4.34
CA SER A 636 -2.68 11.68 4.06
C SER A 636 -3.45 10.53 4.69
N ASP A 637 -2.82 9.36 4.80
CA ASP A 637 -3.47 8.21 5.43
C ASP A 637 -3.73 8.44 6.91
N LEU A 638 -2.97 9.31 7.57
CA LEU A 638 -3.21 9.59 8.98
C LEU A 638 -4.56 10.25 9.20
N ALA A 639 -5.15 10.86 8.16
CA ALA A 639 -6.49 11.41 8.30
C ALA A 639 -7.53 10.29 8.38
N LEU A 640 -7.29 9.19 7.64
CA LEU A 640 -8.25 8.09 7.63
C LEU A 640 -7.88 7.02 8.66
N HIS A 641 -6.62 6.58 8.64
CA HIS A 641 -6.22 5.44 9.46
C HIS A 641 -6.16 5.80 10.94
N ARG A 642 -5.67 7.00 11.27
CA ARG A 642 -5.59 7.44 12.65
C ARG A 642 -6.48 8.63 12.97
N GLY A 643 -7.02 9.31 11.96
CA GLY A 643 -7.86 10.45 12.22
C GLY A 643 -7.12 11.73 12.53
N LEU A 644 -5.80 11.77 12.31
CA LEU A 644 -5.01 12.97 12.54
C LEU A 644 -5.27 13.95 11.40
N PRO A 645 -5.69 15.18 11.70
CA PRO A 645 -6.03 16.12 10.62
C PRO A 645 -4.84 16.39 9.71
N VAL A 646 -5.12 16.48 8.42
CA VAL A 646 -4.10 16.76 7.41
C VAL A 646 -4.58 17.98 6.63
N ILE A 647 -4.02 19.14 6.94
CA ILE A 647 -4.36 20.37 6.25
C ILE A 647 -3.49 20.48 5.00
N GLU A 648 -3.96 19.89 3.91
CA GLU A 648 -3.19 19.91 2.67
C GLU A 648 -3.24 21.28 2.02
N ALA A 649 -2.10 21.71 1.49
CA ALA A 649 -2.00 23.02 0.84
C ALA A 649 -0.87 23.02 -0.18
#